data_2FHE
#
_entry.id   2FHE
#
_cell.length_a   62.200
_cell.length_b   80.300
_cell.length_c   105.900
_cell.angle_alpha   90.00
_cell.angle_beta   90.00
_cell.angle_gamma   90.00
#
_symmetry.space_group_name_H-M   'P 21 21 21'
#
loop_
_entity.id
_entity.type
_entity.pdbx_description
1 polymer 'GLUTATHIONE S-TRANSFERASE'
2 non-polymer GLUTATHIONE
3 water water
#
_entity_poly.entity_id   1
_entity_poly.type   'polypeptide(L)'
_entity_poly.pdbx_seq_one_letter_code
;PAKLGYWKIRGLQQPVRLLLEYLGEKYEEQIYERDDGEKWFSKKFELGLDLPNLPYYIDDKCKLTQSLAILRYIADKHGM
IGTTSEERARVSMIEGAAVDLRQGISRISYQPKFEQLKEGYLKDLPTTMKMWSDFLGKNPYLRGTSVSHVDFMVYEALDA
IRYLEPHCLDHFPNLQQFMSRIEALPSIKAYMESNRFIKWPLNGWHAQFGGGDAPP
;
_entity_poly.pdbx_strand_id   A,B
#
loop_
_chem_comp.id
_chem_comp.type
_chem_comp.name
_chem_comp.formula
GSH non-polymer GLUTATHIONE 'C10 H17 N3 O6 S'
#
# COMPACT_ATOMS: atom_id res chain seq x y z
N PRO A 1 15.60 23.19 1.82
CA PRO A 1 15.72 21.79 1.38
C PRO A 1 14.99 20.86 2.34
N ALA A 2 14.21 19.93 1.77
CA ALA A 2 13.46 18.99 2.59
C ALA A 2 14.42 17.96 3.18
N LYS A 3 14.06 17.42 4.34
CA LYS A 3 14.89 16.42 4.97
C LYS A 3 14.21 15.09 4.78
N LEU A 4 14.98 14.10 4.34
CA LEU A 4 14.47 12.76 4.11
C LEU A 4 15.18 11.82 5.07
N GLY A 5 14.42 10.93 5.71
CA GLY A 5 15.04 10.00 6.63
C GLY A 5 14.76 8.58 6.25
N TYR A 6 15.80 7.77 6.23
CA TYR A 6 15.67 6.36 5.89
C TYR A 6 16.97 5.61 6.11
N TRP A 7 16.88 4.28 6.10
CA TRP A 7 18.05 3.43 6.27
C TRP A 7 18.93 3.57 5.04
N LYS A 8 20.21 3.21 5.16
CA LYS A 8 21.11 3.30 4.03
C LYS A 8 20.96 2.10 3.11
N ILE A 9 19.73 1.92 2.62
CA ILE A 9 19.42 0.83 1.69
C ILE A 9 18.54 1.42 0.60
N ARG A 10 18.22 0.63 -0.41
CA ARG A 10 17.35 1.08 -1.49
C ARG A 10 15.91 0.98 -0.98
N GLY A 11 15.48 -0.24 -0.69
CA GLY A 11 14.15 -0.48 -0.16
C GLY A 11 13.03 0.41 -0.68
N LEU A 12 12.28 0.99 0.25
CA LEU A 12 11.14 1.84 -0.09
C LEU A 12 11.46 3.27 -0.51
N GLN A 13 12.66 3.73 -0.17
CA GLN A 13 13.05 5.11 -0.48
C GLN A 13 13.63 5.36 -1.86
N GLN A 14 14.15 4.34 -2.53
CA GLN A 14 14.76 4.53 -3.84
C GLN A 14 13.92 5.29 -4.87
N PRO A 15 12.65 4.90 -5.04
CA PRO A 15 11.83 5.63 -6.02
C PRO A 15 11.67 7.13 -5.70
N VAL A 16 11.71 7.47 -4.41
CA VAL A 16 11.59 8.85 -3.99
C VAL A 16 12.85 9.63 -4.34
N ARG A 17 14.00 9.02 -4.11
CA ARG A 17 15.28 9.66 -4.43
C ARG A 17 15.37 9.93 -5.91
N LEU A 18 14.99 8.93 -6.71
CA LEU A 18 15.01 9.04 -8.16
C LEU A 18 14.11 10.18 -8.64
N LEU A 19 12.91 10.27 -8.07
CA LEU A 19 11.97 11.32 -8.44
C LEU A 19 12.49 12.70 -8.06
N LEU A 20 13.06 12.82 -6.87
CA LEU A 20 13.60 14.09 -6.41
C LEU A 20 14.69 14.55 -7.36
N GLU A 21 15.52 13.62 -7.80
CA GLU A 21 16.62 13.94 -8.72
C GLU A 21 16.11 14.31 -10.10
N TYR A 22 14.99 13.72 -10.50
CA TYR A 22 14.44 14.01 -11.81
C TYR A 22 13.89 15.43 -11.93
N LEU A 23 13.13 15.88 -10.94
CA LEU A 23 12.57 17.23 -11.03
C LEU A 23 13.44 18.31 -10.38
N GLY A 24 14.65 17.94 -10.00
CA GLY A 24 15.57 18.91 -9.44
C GLY A 24 15.20 19.54 -8.10
N GLU A 25 14.60 18.75 -7.22
CA GLU A 25 14.22 19.23 -5.90
C GLU A 25 15.44 19.12 -4.98
N LYS A 26 15.71 20.19 -4.22
CA LYS A 26 16.85 20.17 -3.31
C LYS A 26 16.43 19.47 -2.02
N TYR A 27 17.23 18.50 -1.57
CA TYR A 27 16.89 17.78 -0.35
C TYR A 27 18.12 17.30 0.41
N GLU A 28 17.92 17.04 1.69
CA GLU A 28 18.97 16.57 2.58
C GLU A 28 18.54 15.21 3.10
N GLU A 29 19.40 14.22 2.92
CA GLU A 29 19.08 12.87 3.37
C GLU A 29 19.68 12.57 4.73
N GLN A 30 18.83 12.20 5.66
CA GLN A 30 19.30 11.83 6.98
C GLN A 30 19.38 10.29 6.93
N ILE A 31 20.58 9.79 6.66
CA ILE A 31 20.85 8.37 6.52
C ILE A 31 21.07 7.63 7.82
N TYR A 32 20.39 6.51 7.97
CA TYR A 32 20.54 5.68 9.18
C TYR A 32 21.30 4.44 8.77
N GLU A 33 22.49 4.28 9.34
CA GLU A 33 23.36 3.14 9.04
C GLU A 33 22.85 1.84 9.66
N ARG A 34 23.49 0.75 9.29
CA ARG A 34 23.14 -0.58 9.76
C ARG A 34 23.03 -0.70 11.29
N ASP A 35 23.83 0.06 12.02
CA ASP A 35 23.82 0.01 13.47
C ASP A 35 23.20 1.24 14.13
N ASP A 36 22.32 1.93 13.41
CA ASP A 36 21.69 3.13 13.95
C ASP A 36 20.28 2.88 14.47
N GLY A 37 19.91 1.61 14.60
CA GLY A 37 18.57 1.26 15.09
C GLY A 37 18.20 2.00 16.36
N GLU A 38 19.07 1.88 17.37
CA GLU A 38 18.87 2.54 18.65
C GLU A 38 18.68 4.04 18.41
N LYS A 39 19.58 4.61 17.61
CA LYS A 39 19.52 6.02 17.29
C LYS A 39 18.11 6.40 16.83
N TRP A 40 17.53 5.59 15.94
CA TRP A 40 16.20 5.86 15.43
C TRP A 40 15.10 5.63 16.45
N PHE A 41 15.16 4.49 17.14
CA PHE A 41 14.13 4.16 18.10
C PHE A 41 14.10 5.06 19.34
N SER A 42 15.14 5.88 19.52
CA SER A 42 15.19 6.78 20.65
C SER A 42 14.61 8.16 20.31
N LYS A 43 14.71 8.56 19.04
CA LYS A 43 14.20 9.85 18.60
C LYS A 43 12.88 9.71 17.84
N LYS A 44 12.52 8.47 17.53
CA LYS A 44 11.30 8.15 16.80
C LYS A 44 10.11 8.97 17.25
N PHE A 45 9.94 9.08 18.55
CA PHE A 45 8.82 9.84 19.07
C PHE A 45 9.16 11.26 19.51
N GLU A 46 10.28 11.80 18.99
CA GLU A 46 10.71 13.15 19.33
C GLU A 46 10.75 14.08 18.13
N LEU A 47 10.49 13.54 16.94
CA LEU A 47 10.54 14.32 15.72
C LEU A 47 9.29 15.10 15.36
N GLY A 48 8.22 14.93 16.14
CA GLY A 48 6.99 15.64 15.86
C GLY A 48 6.18 15.05 14.71
N LEU A 49 6.43 13.78 14.41
CA LEU A 49 5.72 13.08 13.34
C LEU A 49 4.40 12.51 13.89
N ASP A 50 3.29 12.70 13.16
CA ASP A 50 1.99 12.21 13.59
C ASP A 50 1.91 10.70 13.71
N LEU A 51 2.51 10.01 12.75
CA LEU A 51 2.52 8.55 12.73
C LEU A 51 3.94 8.17 12.37
N PRO A 52 4.85 8.19 13.38
CA PRO A 52 6.28 7.88 13.27
C PRO A 52 6.62 6.63 12.48
N ASN A 53 7.60 6.76 11.58
CA ASN A 53 8.03 5.64 10.75
C ASN A 53 9.20 6.05 9.87
N LEU A 54 9.76 5.08 9.17
CA LEU A 54 10.85 5.32 8.23
C LEU A 54 10.30 4.78 6.91
N PRO A 55 10.40 5.56 5.83
CA PRO A 55 10.98 6.90 5.76
C PRO A 55 10.07 8.02 6.26
N TYR A 56 10.67 9.19 6.46
CA TYR A 56 9.92 10.36 6.86
C TYR A 56 10.39 11.53 5.98
N TYR A 57 9.53 12.52 5.84
CA TYR A 57 9.82 13.69 5.02
C TYR A 57 9.46 14.92 5.83
N ILE A 58 10.38 15.88 5.88
CA ILE A 58 10.15 17.11 6.61
C ILE A 58 10.65 18.35 5.87
N ASP A 59 9.78 19.34 5.70
CA ASP A 59 10.15 20.61 5.11
C ASP A 59 9.32 21.69 5.80
N ASP A 60 9.46 22.95 5.39
CA ASP A 60 8.73 24.03 6.05
C ASP A 60 7.22 23.96 5.99
N LYS A 61 6.69 23.11 5.11
CA LYS A 61 5.25 23.00 4.96
C LYS A 61 4.66 21.67 5.40
N CYS A 62 5.47 20.61 5.35
CA CYS A 62 4.96 19.29 5.68
C CYS A 62 5.87 18.35 6.45
N LYS A 63 5.24 17.48 7.22
CA LYS A 63 5.92 16.45 8.00
C LYS A 63 5.12 15.18 7.64
N LEU A 64 5.75 14.26 6.93
CA LEU A 64 5.08 13.05 6.50
C LEU A 64 5.84 11.76 6.73
N THR A 65 5.09 10.67 6.74
CA THR A 65 5.64 9.32 6.82
C THR A 65 4.82 8.56 5.78
N GLN A 66 5.24 7.33 5.47
CA GLN A 66 4.61 6.47 4.47
C GLN A 66 5.25 6.77 3.14
N SER A 67 6.04 5.82 2.64
CA SER A 67 6.73 5.98 1.37
C SER A 67 5.84 6.46 0.22
N LEU A 68 4.62 5.93 0.12
CA LEU A 68 3.75 6.34 -0.99
C LEU A 68 3.22 7.76 -0.82
N ALA A 69 2.95 8.15 0.42
CA ALA A 69 2.45 9.50 0.68
C ALA A 69 3.56 10.50 0.35
N ILE A 70 4.80 10.14 0.69
CA ILE A 70 5.94 11.00 0.41
C ILE A 70 6.17 11.14 -1.09
N LEU A 71 6.15 10.02 -1.79
CA LEU A 71 6.34 10.04 -3.23
C LEU A 71 5.27 10.90 -3.91
N ARG A 72 4.01 10.70 -3.50
CA ARG A 72 2.88 11.42 -4.08
C ARG A 72 2.86 12.92 -3.79
N TYR A 73 3.47 13.33 -2.68
CA TYR A 73 3.53 14.74 -2.32
C TYR A 73 4.39 15.47 -3.35
N ILE A 74 5.58 14.93 -3.59
CA ILE A 74 6.51 15.51 -4.55
C ILE A 74 5.89 15.47 -5.96
N ALA A 75 5.23 14.36 -6.29
CA ALA A 75 4.60 14.20 -7.59
C ALA A 75 3.43 15.18 -7.74
N ASP A 76 2.67 15.35 -6.68
CA ASP A 76 1.52 16.26 -6.67
C ASP A 76 2.04 17.68 -6.93
N LYS A 77 3.06 18.09 -6.18
CA LYS A 77 3.62 19.41 -6.35
C LYS A 77 4.13 19.64 -7.77
N HIS A 78 4.41 18.56 -8.48
CA HIS A 78 4.90 18.67 -9.84
C HIS A 78 3.90 18.28 -10.92
N GLY A 79 2.62 18.27 -10.56
CA GLY A 79 1.55 17.95 -11.49
C GLY A 79 1.46 16.56 -12.08
N MET A 80 1.96 15.55 -11.38
CA MET A 80 1.94 14.18 -11.89
C MET A 80 0.85 13.26 -11.32
N ILE A 81 -0.01 13.80 -10.46
CA ILE A 81 -1.03 13.00 -9.82
C ILE A 81 -2.32 12.72 -10.62
N GLY A 82 -2.63 13.58 -11.59
CA GLY A 82 -3.83 13.38 -12.38
C GLY A 82 -4.74 14.59 -12.23
N THR A 83 -5.44 14.94 -13.30
CA THR A 83 -6.31 16.11 -13.30
C THR A 83 -7.79 15.82 -13.08
N THR A 84 -8.19 14.57 -13.30
CA THR A 84 -9.57 14.19 -13.09
C THR A 84 -9.61 13.05 -12.11
N SER A 85 -10.79 12.71 -11.65
CA SER A 85 -10.93 11.61 -10.71
C SER A 85 -10.58 10.27 -11.37
N GLU A 86 -10.96 10.11 -12.63
CA GLU A 86 -10.69 8.87 -13.35
C GLU A 86 -9.19 8.72 -13.53
N GLU A 87 -8.53 9.82 -13.88
CA GLU A 87 -7.10 9.77 -14.08
C GLU A 87 -6.34 9.54 -12.79
N ARG A 88 -6.74 10.22 -11.71
CA ARG A 88 -6.08 10.04 -10.43
C ARG A 88 -6.24 8.62 -9.93
N ALA A 89 -7.39 8.01 -10.21
CA ALA A 89 -7.66 6.63 -9.78
C ALA A 89 -6.80 5.65 -10.55
N ARG A 90 -6.62 5.92 -11.84
CA ARG A 90 -5.80 5.06 -12.68
C ARG A 90 -4.34 5.11 -12.21
N VAL A 91 -3.92 6.29 -11.76
CA VAL A 91 -2.56 6.48 -11.27
C VAL A 91 -2.40 5.64 -10.00
N SER A 92 -3.39 5.73 -9.11
CA SER A 92 -3.35 4.97 -7.86
C SER A 92 -3.34 3.47 -8.10
N MET A 93 -4.02 3.04 -9.15
CA MET A 93 -4.07 1.63 -9.51
C MET A 93 -2.65 1.17 -9.88
N ILE A 94 -1.97 1.95 -10.71
CA ILE A 94 -0.61 1.61 -11.12
C ILE A 94 0.32 1.56 -9.90
N GLU A 95 0.19 2.53 -8.99
CA GLU A 95 1.01 2.56 -7.78
C GLU A 95 0.79 1.30 -6.95
N GLY A 96 -0.47 0.93 -6.78
CA GLY A 96 -0.80 -0.25 -6.01
C GLY A 96 -0.18 -1.51 -6.58
N ALA A 97 -0.24 -1.64 -7.91
CA ALA A 97 0.33 -2.79 -8.59
C ALA A 97 1.85 -2.78 -8.47
N ALA A 98 2.43 -1.59 -8.49
CA ALA A 98 3.88 -1.43 -8.37
C ALA A 98 4.31 -1.78 -6.94
N VAL A 99 3.45 -1.49 -5.98
CA VAL A 99 3.75 -1.80 -4.58
C VAL A 99 3.73 -3.32 -4.44
N ASP A 100 2.74 -3.96 -5.08
CA ASP A 100 2.62 -5.42 -5.07
C ASP A 100 3.88 -6.06 -5.66
N LEU A 101 4.36 -5.51 -6.77
CA LEU A 101 5.55 -6.02 -7.45
C LEU A 101 6.79 -6.00 -6.57
N ARG A 102 7.02 -4.87 -5.90
CA ARG A 102 8.18 -4.74 -5.03
C ARG A 102 8.01 -5.49 -3.71
N GLN A 103 6.78 -5.49 -3.18
CA GLN A 103 6.51 -6.17 -1.93
C GLN A 103 6.55 -7.69 -2.06
N GLY A 104 6.32 -8.19 -3.27
CA GLY A 104 6.36 -9.62 -3.51
C GLY A 104 7.74 -10.18 -3.26
N ILE A 105 8.75 -9.53 -3.80
CA ILE A 105 10.14 -9.97 -3.63
C ILE A 105 10.60 -9.69 -2.19
N SER A 106 10.10 -8.59 -1.64
CA SER A 106 10.44 -8.20 -0.29
C SER A 106 9.96 -9.24 0.73
N ARG A 107 8.76 -9.74 0.50
CA ARG A 107 8.16 -10.74 1.38
C ARG A 107 9.01 -11.99 1.53
N ILE A 108 9.33 -12.63 0.41
CA ILE A 108 10.13 -13.85 0.45
C ILE A 108 11.57 -13.62 0.85
N SER A 109 12.09 -12.41 0.62
CA SER A 109 13.48 -12.09 0.94
C SER A 109 13.77 -11.97 2.44
N TYR A 110 12.78 -11.56 3.21
CA TYR A 110 12.96 -11.42 4.65
C TYR A 110 12.47 -12.66 5.39
N GLN A 111 12.03 -13.65 4.62
CA GLN A 111 11.54 -14.89 5.15
C GLN A 111 12.68 -15.88 5.36
N PRO A 112 12.76 -16.49 6.54
CA PRO A 112 13.84 -17.46 6.80
C PRO A 112 13.78 -18.60 5.78
N LYS A 113 12.57 -18.92 5.32
CA LYS A 113 12.36 -19.98 4.35
C LYS A 113 12.53 -19.46 2.92
N PHE A 114 13.20 -18.33 2.77
CA PHE A 114 13.42 -17.75 1.45
C PHE A 114 13.73 -18.81 0.40
N GLU A 115 14.79 -19.58 0.66
CA GLU A 115 15.25 -20.63 -0.24
C GLU A 115 14.13 -21.52 -0.75
N GLN A 116 13.17 -21.82 0.12
CA GLN A 116 12.05 -22.66 -0.26
C GLN A 116 11.03 -21.88 -1.08
N LEU A 117 10.69 -20.68 -0.60
CA LEU A 117 9.73 -19.82 -1.26
C LEU A 117 10.18 -19.40 -2.65
N LYS A 118 11.48 -19.20 -2.80
CA LYS A 118 12.06 -18.77 -4.06
C LYS A 118 11.54 -19.53 -5.29
N GLU A 119 11.43 -20.85 -5.19
CA GLU A 119 10.97 -21.65 -6.32
C GLU A 119 9.57 -21.32 -6.78
N GLY A 120 8.64 -21.20 -5.82
CA GLY A 120 7.27 -20.89 -6.17
C GLY A 120 7.15 -19.51 -6.78
N TYR A 121 7.92 -18.58 -6.23
CA TYR A 121 7.94 -17.19 -6.70
C TYR A 121 8.43 -17.10 -8.15
N LEU A 122 9.51 -17.82 -8.43
CA LEU A 122 10.11 -17.83 -9.76
C LEU A 122 9.19 -18.48 -10.79
N LYS A 123 8.33 -19.37 -10.32
CA LYS A 123 7.41 -20.06 -11.20
C LYS A 123 6.31 -19.12 -11.69
N ASP A 124 5.93 -18.17 -10.84
CA ASP A 124 4.89 -17.21 -11.17
C ASP A 124 5.38 -15.93 -11.82
N LEU A 125 6.65 -15.61 -11.60
CA LEU A 125 7.23 -14.37 -12.14
C LEU A 125 6.89 -14.07 -13.60
N PRO A 126 7.07 -15.04 -14.50
CA PRO A 126 6.78 -14.84 -15.93
C PRO A 126 5.40 -14.23 -16.22
N THR A 127 4.36 -14.72 -15.54
CA THR A 127 3.01 -14.21 -15.74
C THR A 127 2.92 -12.73 -15.34
N THR A 128 3.56 -12.40 -14.23
CA THR A 128 3.58 -11.04 -13.71
C THR A 128 4.28 -10.09 -14.68
N MET A 129 5.43 -10.51 -15.20
CA MET A 129 6.19 -9.70 -16.16
C MET A 129 5.39 -9.47 -17.43
N LYS A 130 4.69 -10.50 -17.88
CA LYS A 130 3.89 -10.39 -19.09
C LYS A 130 2.79 -9.36 -18.87
N MET A 131 2.20 -9.39 -17.69
CA MET A 131 1.13 -8.45 -17.37
C MET A 131 1.65 -7.02 -17.47
N TRP A 132 2.84 -6.79 -16.96
CA TRP A 132 3.41 -5.45 -17.01
C TRP A 132 3.86 -5.11 -18.43
N SER A 133 4.38 -6.09 -19.14
CA SER A 133 4.84 -5.89 -20.50
C SER A 133 3.65 -5.50 -21.36
N ASP A 134 2.54 -6.19 -21.15
CA ASP A 134 1.34 -5.92 -21.93
C ASP A 134 0.80 -4.55 -21.58
N PHE A 135 0.87 -4.19 -20.30
CA PHE A 135 0.38 -2.89 -19.88
C PHE A 135 1.20 -1.74 -20.48
N LEU A 136 2.53 -1.86 -20.48
CA LEU A 136 3.36 -0.79 -21.04
C LEU A 136 3.15 -0.68 -22.54
N GLY A 137 3.03 -1.82 -23.21
CA GLY A 137 2.81 -1.83 -24.63
C GLY A 137 3.88 -1.07 -25.39
N LYS A 138 3.43 -0.21 -26.30
CA LYS A 138 4.34 0.57 -27.13
C LYS A 138 4.71 1.92 -26.53
N ASN A 139 4.11 2.26 -25.40
CA ASN A 139 4.39 3.53 -24.73
C ASN A 139 5.80 3.62 -24.19
N PRO A 140 6.38 4.82 -24.20
CA PRO A 140 7.74 5.03 -23.68
C PRO A 140 7.71 4.95 -22.17
N TYR A 141 6.60 5.37 -21.59
CA TYR A 141 6.41 5.36 -20.14
C TYR A 141 5.04 4.81 -19.78
N LEU A 142 4.88 4.43 -18.52
CA LEU A 142 3.63 3.84 -18.05
C LEU A 142 2.36 4.63 -18.33
N ARG A 143 2.46 5.95 -18.42
CA ARG A 143 1.28 6.76 -18.66
C ARG A 143 1.26 7.49 -19.98
N GLY A 144 2.20 7.16 -20.87
CA GLY A 144 2.24 7.79 -22.16
C GLY A 144 3.61 8.27 -22.54
N THR A 145 3.71 9.53 -22.92
CA THR A 145 4.97 10.10 -23.36
C THR A 145 5.75 10.79 -22.27
N SER A 146 5.12 11.00 -21.12
CA SER A 146 5.78 11.68 -20.01
C SER A 146 6.08 10.79 -18.81
N VAL A 147 7.27 10.97 -18.26
CA VAL A 147 7.70 10.21 -17.08
C VAL A 147 6.93 10.74 -15.88
N SER A 148 6.72 9.85 -14.90
CA SER A 148 6.04 10.23 -13.69
C SER A 148 6.58 9.31 -12.59
N HIS A 149 6.18 9.57 -11.36
CA HIS A 149 6.64 8.80 -10.21
C HIS A 149 6.41 7.29 -10.33
N VAL A 150 5.35 6.88 -11.02
CA VAL A 150 5.09 5.44 -11.14
C VAL A 150 6.19 4.72 -11.92
N ASP A 151 6.79 5.40 -12.89
CA ASP A 151 7.86 4.82 -13.69
C ASP A 151 9.07 4.48 -12.82
N PHE A 152 9.39 5.36 -11.87
CA PHE A 152 10.52 5.13 -10.98
C PHE A 152 10.23 4.00 -9.99
N MET A 153 8.94 3.81 -9.68
CA MET A 153 8.52 2.74 -8.78
C MET A 153 8.74 1.40 -9.49
N VAL A 154 8.17 1.27 -10.68
CA VAL A 154 8.29 0.06 -11.48
C VAL A 154 9.73 -0.21 -11.89
N TYR A 155 10.45 0.83 -12.27
CA TYR A 155 11.85 0.65 -12.65
C TYR A 155 12.63 0.01 -11.51
N GLU A 156 12.51 0.57 -10.31
CA GLU A 156 13.21 0.05 -9.15
C GLU A 156 12.79 -1.40 -8.85
N ALA A 157 11.50 -1.68 -8.97
CA ALA A 157 11.00 -3.04 -8.71
C ALA A 157 11.57 -4.05 -9.70
N LEU A 158 11.62 -3.68 -10.97
CA LEU A 158 12.16 -4.57 -11.99
C LEU A 158 13.67 -4.76 -11.79
N ASP A 159 14.36 -3.67 -11.49
CA ASP A 159 15.80 -3.77 -11.27
C ASP A 159 16.11 -4.71 -10.11
N ALA A 160 15.31 -4.66 -9.06
CA ALA A 160 15.54 -5.52 -7.90
C ALA A 160 15.31 -6.99 -8.25
N ILE A 161 14.24 -7.26 -9.00
CA ILE A 161 13.91 -8.63 -9.39
C ILE A 161 14.96 -9.21 -10.34
N ARG A 162 15.51 -8.38 -11.21
CA ARG A 162 16.53 -8.88 -12.14
C ARG A 162 17.77 -9.36 -11.37
N TYR A 163 17.87 -9.01 -10.09
CA TYR A 163 19.00 -9.43 -9.27
C TYR A 163 18.76 -10.88 -8.83
N LEU A 164 17.50 -11.24 -8.74
CA LEU A 164 17.13 -12.59 -8.35
C LEU A 164 17.10 -13.48 -9.58
N GLU A 165 16.52 -12.97 -10.66
CA GLU A 165 16.39 -13.72 -11.90
C GLU A 165 16.80 -12.82 -13.07
N PRO A 166 18.10 -12.84 -13.42
CA PRO A 166 18.68 -12.04 -14.51
C PRO A 166 18.03 -12.12 -15.89
N HIS A 167 17.37 -13.23 -16.19
CA HIS A 167 16.75 -13.38 -17.51
C HIS A 167 15.26 -13.14 -17.47
N CYS A 168 14.75 -12.58 -16.38
CA CYS A 168 13.32 -12.33 -16.26
C CYS A 168 12.74 -11.38 -17.31
N LEU A 169 13.56 -10.49 -17.84
CA LEU A 169 13.07 -9.54 -18.84
C LEU A 169 13.40 -9.96 -20.26
N ASP A 170 14.18 -11.04 -20.39
CA ASP A 170 14.60 -11.54 -21.68
C ASP A 170 13.49 -11.65 -22.73
N HIS A 171 12.35 -12.20 -22.34
CA HIS A 171 11.26 -12.36 -23.27
C HIS A 171 10.36 -11.14 -23.39
N PHE A 172 10.76 -10.04 -22.76
CA PHE A 172 9.97 -8.80 -22.80
C PHE A 172 10.83 -7.62 -23.17
N PRO A 173 11.14 -7.48 -24.46
CA PRO A 173 11.97 -6.38 -24.99
C PRO A 173 11.54 -4.95 -24.61
N ASN A 174 10.23 -4.71 -24.56
CA ASN A 174 9.78 -3.37 -24.21
C ASN A 174 10.12 -3.00 -22.76
N LEU A 175 10.12 -3.98 -21.85
CA LEU A 175 10.47 -3.74 -20.45
C LEU A 175 11.97 -3.44 -20.37
N GLN A 176 12.74 -4.11 -21.22
CA GLN A 176 14.19 -3.93 -21.26
C GLN A 176 14.50 -2.51 -21.73
N GLN A 177 13.81 -2.07 -22.77
CA GLN A 177 14.03 -0.74 -23.30
C GLN A 177 13.58 0.31 -22.28
N PHE A 178 12.51 -0.01 -21.57
CA PHE A 178 11.98 0.88 -20.55
C PHE A 178 13.07 1.15 -19.51
N MET A 179 13.74 0.09 -19.09
CA MET A 179 14.82 0.18 -18.11
C MET A 179 15.94 1.08 -18.61
N SER A 180 16.35 0.90 -19.86
CA SER A 180 17.40 1.68 -20.46
C SER A 180 16.99 3.14 -20.59
N ARG A 181 15.74 3.35 -21.00
CA ARG A 181 15.21 4.69 -21.18
C ARG A 181 15.30 5.50 -19.88
N ILE A 182 14.95 4.88 -18.77
CA ILE A 182 15.00 5.55 -17.48
C ILE A 182 16.44 5.88 -17.11
N GLU A 183 17.34 4.93 -17.32
CA GLU A 183 18.74 5.12 -16.98
C GLU A 183 19.44 6.13 -17.89
N ALA A 184 18.83 6.43 -19.03
CA ALA A 184 19.40 7.38 -19.98
C ALA A 184 18.90 8.81 -19.73
N LEU A 185 17.93 8.99 -18.84
CA LEU A 185 17.45 10.32 -18.54
C LEU A 185 18.66 11.05 -17.94
N PRO A 186 18.99 12.25 -18.47
CA PRO A 186 20.14 13.03 -17.99
C PRO A 186 20.29 13.17 -16.48
N SER A 187 19.23 13.52 -15.78
CA SER A 187 19.31 13.69 -14.34
C SER A 187 19.51 12.35 -13.60
N ILE A 188 18.93 11.28 -14.13
CA ILE A 188 19.06 9.96 -13.51
C ILE A 188 20.47 9.41 -13.74
N LYS A 189 20.91 9.47 -15.00
CA LYS A 189 22.22 8.99 -15.37
C LYS A 189 23.29 9.65 -14.50
N ALA A 190 23.18 10.95 -14.31
CA ALA A 190 24.15 11.69 -13.50
C ALA A 190 24.09 11.30 -12.02
N TYR A 191 22.88 11.07 -11.52
CA TYR A 191 22.71 10.70 -10.13
C TYR A 191 23.30 9.30 -9.89
N MET A 192 23.08 8.40 -10.85
CA MET A 192 23.58 7.03 -10.71
C MET A 192 25.09 6.98 -10.80
N GLU A 193 25.69 8.05 -11.31
CA GLU A 193 27.14 8.12 -11.44
C GLU A 193 27.76 8.89 -10.28
N SER A 194 26.91 9.46 -9.43
CA SER A 194 27.37 10.23 -8.28
C SER A 194 27.69 9.35 -7.08
N ASN A 195 28.17 9.98 -6.01
CA ASN A 195 28.50 9.25 -4.79
C ASN A 195 27.33 9.30 -3.83
N ARG A 196 26.21 9.85 -4.28
CA ARG A 196 25.00 9.94 -3.46
C ARG A 196 24.16 8.70 -3.70
N PHE A 197 24.40 8.06 -4.83
CA PHE A 197 23.68 6.85 -5.23
C PHE A 197 23.94 5.64 -4.35
N ILE A 198 22.86 5.02 -3.87
CA ILE A 198 22.96 3.83 -3.05
C ILE A 198 22.60 2.67 -3.97
N LYS A 199 23.60 1.87 -4.31
CA LYS A 199 23.42 0.72 -5.20
C LYS A 199 23.03 -0.57 -4.50
N TRP A 200 23.45 -0.70 -3.25
CA TRP A 200 23.18 -1.90 -2.46
C TRP A 200 23.14 -1.50 -0.98
N PRO A 201 22.36 -2.22 -0.15
CA PRO A 201 21.51 -3.37 -0.48
C PRO A 201 20.14 -2.99 -1.04
N LEU A 202 19.44 -4.00 -1.55
CA LEU A 202 18.10 -3.82 -2.11
C LEU A 202 17.09 -3.80 -0.98
N ASN A 203 17.21 -4.81 -0.12
CA ASN A 203 16.33 -4.97 1.04
C ASN A 203 17.12 -4.61 2.29
N GLY A 204 16.55 -4.90 3.46
CA GLY A 204 17.26 -4.61 4.70
C GLY A 204 18.49 -5.50 4.75
N TRP A 205 19.51 -5.06 5.47
CA TRP A 205 20.76 -5.82 5.57
C TRP A 205 20.61 -7.27 6.03
N HIS A 206 19.58 -7.52 6.83
CA HIS A 206 19.31 -8.83 7.40
C HIS A 206 18.46 -9.77 6.52
N ALA A 207 18.20 -9.39 5.27
CA ALA A 207 17.38 -10.21 4.39
C ALA A 207 18.12 -11.44 3.87
N GLN A 208 17.38 -12.54 3.67
CA GLN A 208 17.97 -13.77 3.15
C GLN A 208 18.50 -13.47 1.75
N PHE A 209 17.84 -12.55 1.07
CA PHE A 209 18.25 -12.18 -0.27
C PHE A 209 18.24 -10.66 -0.43
N GLY A 210 19.24 -10.14 -1.15
CA GLY A 210 19.34 -8.73 -1.40
C GLY A 210 19.73 -7.89 -0.20
N GLY A 211 20.25 -8.53 0.84
CA GLY A 211 20.63 -7.81 2.04
C GLY A 211 22.09 -7.92 2.42
N GLY A 212 22.95 -8.28 1.49
CA GLY A 212 24.35 -8.40 1.83
C GLY A 212 25.03 -7.06 2.06
N ASP A 213 26.34 -7.05 1.92
CA ASP A 213 27.12 -5.84 2.06
C ASP A 213 27.51 -5.50 0.63
N ALA A 214 27.38 -6.48 -0.25
CA ALA A 214 27.70 -6.33 -1.64
C ALA A 214 26.80 -7.23 -2.47
N PRO A 215 26.60 -6.89 -3.75
CA PRO A 215 25.75 -7.69 -4.64
C PRO A 215 26.21 -9.15 -4.69
N PRO A 216 25.28 -10.08 -4.93
CA PRO A 216 25.63 -11.50 -5.00
C PRO A 216 26.04 -11.91 -6.42
N PRO B 1 -25.26 1.35 -12.13
CA PRO B 1 -24.67 0.87 -10.86
C PRO B 1 -23.32 0.23 -11.15
N ALA B 2 -22.32 0.58 -10.36
CA ALA B 2 -20.99 0.03 -10.55
C ALA B 2 -20.99 -1.43 -10.10
N LYS B 3 -20.10 -2.21 -10.69
CA LYS B 3 -20.00 -3.61 -10.33
C LYS B 3 -18.72 -3.76 -9.52
N LEU B 4 -18.84 -4.45 -8.39
CA LEU B 4 -17.70 -4.69 -7.51
C LEU B 4 -17.45 -6.19 -7.45
N GLY B 5 -16.20 -6.60 -7.56
CA GLY B 5 -15.90 -8.00 -7.50
C GLY B 5 -14.96 -8.32 -6.37
N TYR B 6 -15.28 -9.35 -5.60
CA TYR B 6 -14.43 -9.77 -4.51
C TYR B 6 -14.93 -11.07 -3.88
N TRP B 7 -14.08 -11.68 -3.05
CA TRP B 7 -14.44 -12.91 -2.36
C TRP B 7 -15.51 -12.59 -1.33
N LYS B 8 -16.25 -13.59 -0.87
CA LYS B 8 -17.27 -13.35 0.14
C LYS B 8 -16.65 -13.29 1.53
N ILE B 9 -15.74 -12.34 1.72
CA ILE B 9 -15.09 -12.14 3.00
C ILE B 9 -15.00 -10.63 3.21
N ARG B 10 -14.56 -10.22 4.39
CA ARG B 10 -14.40 -8.81 4.69
C ARG B 10 -13.10 -8.33 4.00
N GLY B 11 -11.97 -8.88 4.45
CA GLY B 11 -10.68 -8.54 3.87
C GLY B 11 -10.48 -7.12 3.43
N LEU B 12 -10.02 -6.95 2.20
CA LEU B 12 -9.73 -5.64 1.64
C LEU B 12 -10.90 -4.84 1.13
N GLN B 13 -12.02 -5.52 0.88
CA GLN B 13 -13.21 -4.86 0.34
C GLN B 13 -14.16 -4.20 1.35
N GLN B 14 -14.09 -4.61 2.61
CA GLN B 14 -15.00 -4.05 3.60
C GLN B 14 -15.05 -2.51 3.67
N PRO B 15 -13.88 -1.84 3.72
CA PRO B 15 -13.90 -0.37 3.78
C PRO B 15 -14.60 0.27 2.58
N VAL B 16 -14.51 -0.39 1.43
CA VAL B 16 -15.15 0.12 0.22
C VAL B 16 -16.66 0.00 0.30
N ARG B 17 -17.13 -1.13 0.82
CA ARG B 17 -18.57 -1.36 0.95
C ARG B 17 -19.16 -0.31 1.90
N LEU B 18 -18.47 -0.12 3.02
CA LEU B 18 -18.89 0.83 4.03
C LEU B 18 -18.99 2.22 3.43
N LEU B 19 -17.98 2.62 2.67
CA LEU B 19 -17.96 3.95 2.05
C LEU B 19 -19.10 4.11 1.04
N LEU B 20 -19.32 3.07 0.23
CA LEU B 20 -20.37 3.13 -0.77
C LEU B 20 -21.71 3.31 -0.09
N GLU B 21 -21.89 2.64 1.04
CA GLU B 21 -23.15 2.73 1.77
C GLU B 21 -23.31 4.11 2.44
N TYR B 22 -22.20 4.71 2.82
CA TYR B 22 -22.27 6.00 3.47
C TYR B 22 -22.71 7.14 2.54
N LEU B 23 -22.17 7.18 1.33
CA LEU B 23 -22.55 8.25 0.40
C LEU B 23 -23.69 7.89 -0.52
N GLY B 24 -24.29 6.73 -0.31
CA GLY B 24 -25.44 6.33 -1.10
C GLY B 24 -25.21 6.04 -2.57
N GLU B 25 -24.07 5.43 -2.87
CA GLU B 25 -23.75 5.05 -4.24
C GLU B 25 -24.40 3.71 -4.55
N LYS B 26 -25.05 3.63 -5.71
CA LYS B 26 -25.70 2.37 -6.10
C LYS B 26 -24.68 1.46 -6.71
N TYR B 27 -24.60 0.22 -6.23
CA TYR B 27 -23.62 -0.73 -6.76
C TYR B 27 -24.12 -2.16 -6.72
N GLU B 28 -23.49 -3.00 -7.54
CA GLU B 28 -23.82 -4.41 -7.64
C GLU B 28 -22.55 -5.18 -7.27
N GLU B 29 -22.65 -6.06 -6.30
CA GLU B 29 -21.51 -6.84 -5.88
C GLU B 29 -21.47 -8.21 -6.53
N GLN B 30 -20.36 -8.52 -7.19
CA GLN B 30 -20.19 -9.81 -7.82
C GLN B 30 -19.35 -10.58 -6.80
N ILE B 31 -20.04 -11.38 -5.99
CA ILE B 31 -19.45 -12.18 -4.92
C ILE B 31 -18.87 -13.51 -5.38
N TYR B 32 -17.65 -13.78 -4.94
CA TYR B 32 -16.99 -15.04 -5.27
C TYR B 32 -16.95 -15.87 -4.00
N GLU B 33 -17.64 -17.00 -4.03
CA GLU B 33 -17.70 -17.89 -2.89
C GLU B 33 -16.41 -18.64 -2.66
N ARG B 34 -16.34 -19.34 -1.54
CA ARG B 34 -15.17 -20.11 -1.15
C ARG B 34 -14.65 -21.08 -2.22
N ASP B 35 -15.55 -21.61 -3.05
CA ASP B 35 -15.16 -22.55 -4.09
C ASP B 35 -15.26 -21.99 -5.50
N ASP B 36 -15.16 -20.66 -5.63
CA ASP B 36 -15.26 -20.02 -6.93
C ASP B 36 -13.91 -19.68 -7.54
N GLY B 37 -12.85 -20.29 -7.01
CA GLY B 37 -11.53 -20.04 -7.56
C GLY B 37 -11.60 -20.10 -9.07
N GLU B 38 -11.95 -21.27 -9.59
CA GLU B 38 -12.07 -21.49 -11.02
C GLU B 38 -12.90 -20.38 -11.65
N LYS B 39 -14.02 -20.06 -11.02
CA LYS B 39 -14.90 -19.02 -11.53
C LYS B 39 -14.17 -17.69 -11.74
N TRP B 40 -13.18 -17.41 -10.89
CA TRP B 40 -12.44 -16.15 -11.00
C TRP B 40 -11.30 -16.24 -12.00
N PHE B 41 -10.40 -17.20 -11.80
CA PHE B 41 -9.26 -17.34 -12.69
C PHE B 41 -9.59 -17.66 -14.14
N SER B 42 -10.73 -18.28 -14.37
CA SER B 42 -11.11 -18.63 -15.74
C SER B 42 -11.37 -17.40 -16.59
N LYS B 43 -11.93 -16.35 -15.97
CA LYS B 43 -12.26 -15.12 -16.70
C LYS B 43 -11.49 -13.89 -16.24
N LYS B 44 -10.63 -14.05 -15.25
CA LYS B 44 -9.85 -12.93 -14.72
C LYS B 44 -9.19 -12.13 -15.85
N PHE B 45 -8.78 -12.82 -16.92
CA PHE B 45 -8.13 -12.17 -18.05
C PHE B 45 -9.11 -11.89 -19.18
N GLU B 46 -10.39 -12.07 -18.89
CA GLU B 46 -11.41 -11.86 -19.90
C GLU B 46 -12.28 -10.66 -19.57
N LEU B 47 -12.01 -10.03 -18.43
CA LEU B 47 -12.80 -8.89 -17.98
C LEU B 47 -12.39 -7.53 -18.52
N GLY B 48 -11.28 -7.46 -19.26
CA GLY B 48 -10.85 -6.19 -19.80
C GLY B 48 -10.14 -5.31 -18.79
N LEU B 49 -9.66 -5.91 -17.72
CA LEU B 49 -8.94 -5.18 -16.67
C LEU B 49 -7.46 -5.05 -17.05
N ASP B 50 -6.90 -3.85 -16.91
CA ASP B 50 -5.50 -3.62 -17.27
C ASP B 50 -4.52 -4.41 -16.42
N LEU B 51 -4.81 -4.50 -15.13
CA LEU B 51 -3.96 -5.24 -14.21
C LEU B 51 -4.91 -6.06 -13.33
N PRO B 52 -5.38 -7.20 -13.86
CA PRO B 52 -6.32 -8.14 -13.22
C PRO B 52 -6.03 -8.47 -11.77
N ASN B 53 -7.07 -8.43 -10.96
CA ASN B 53 -6.94 -8.72 -9.53
C ASN B 53 -8.30 -8.62 -8.86
N LEU B 54 -8.32 -9.01 -7.60
CA LEU B 54 -9.53 -8.93 -6.79
C LEU B 54 -9.11 -8.06 -5.61
N PRO B 55 -9.90 -7.03 -5.28
CA PRO B 55 -11.15 -6.66 -5.93
C PRO B 55 -11.00 -5.87 -7.21
N TYR B 56 -12.10 -5.76 -7.96
CA TYR B 56 -12.13 -4.97 -9.18
C TYR B 56 -13.38 -4.10 -9.13
N TYR B 57 -13.33 -2.99 -9.85
CA TYR B 57 -14.46 -2.07 -9.90
C TYR B 57 -14.73 -1.72 -11.36
N ILE B 58 -15.98 -1.80 -11.77
CA ILE B 58 -16.35 -1.51 -13.15
C ILE B 58 -17.64 -0.71 -13.26
N ASP B 59 -17.58 0.41 -13.99
CA ASP B 59 -18.78 1.21 -14.24
C ASP B 59 -18.61 1.80 -15.63
N ASP B 60 -19.56 2.61 -16.10
CA ASP B 60 -19.48 3.18 -17.44
C ASP B 60 -18.28 4.09 -17.71
N LYS B 61 -17.59 4.52 -16.65
CA LYS B 61 -16.46 5.40 -16.83
C LYS B 61 -15.10 4.79 -16.47
N CYS B 62 -15.11 3.82 -15.57
CA CYS B 62 -13.87 3.24 -15.09
C CYS B 62 -13.84 1.72 -14.86
N LYS B 63 -12.64 1.17 -15.02
CA LYS B 63 -12.36 -0.25 -14.80
C LYS B 63 -11.10 -0.21 -13.95
N LEU B 64 -11.22 -0.59 -12.68
CA LEU B 64 -10.09 -0.54 -11.77
C LEU B 64 -9.85 -1.79 -10.95
N THR B 65 -8.62 -1.91 -10.45
CA THR B 65 -8.22 -2.98 -9.54
C THR B 65 -7.41 -2.22 -8.49
N GLN B 66 -7.08 -2.90 -7.40
CA GLN B 66 -6.32 -2.34 -6.28
C GLN B 66 -7.31 -1.71 -5.30
N SER B 67 -7.45 -2.34 -4.15
CA SER B 67 -8.39 -1.88 -3.13
C SER B 67 -8.27 -0.38 -2.80
N LEU B 68 -7.04 0.13 -2.68
CA LEU B 68 -6.89 1.55 -2.36
C LEU B 68 -7.27 2.47 -3.52
N ALA B 69 -7.00 2.06 -4.75
CA ALA B 69 -7.36 2.87 -5.92
C ALA B 69 -8.88 2.96 -6.01
N ILE B 70 -9.55 1.84 -5.74
CA ILE B 70 -11.01 1.77 -5.79
C ILE B 70 -11.63 2.65 -4.70
N LEU B 71 -11.13 2.51 -3.48
CA LEU B 71 -11.64 3.32 -2.38
C LEU B 71 -11.46 4.82 -2.68
N ARG B 72 -10.28 5.19 -3.19
CA ARG B 72 -9.98 6.58 -3.49
C ARG B 72 -10.77 7.17 -4.65
N TYR B 73 -11.20 6.32 -5.57
CA TYR B 73 -12.00 6.80 -6.71
C TYR B 73 -13.34 7.33 -6.18
N ILE B 74 -14.01 6.50 -5.38
CA ILE B 74 -15.29 6.86 -4.81
C ILE B 74 -15.12 8.08 -3.90
N ALA B 75 -14.04 8.09 -3.13
CA ALA B 75 -13.77 9.20 -2.23
C ALA B 75 -13.49 10.48 -3.01
N ASP B 76 -12.75 10.35 -4.10
CA ASP B 76 -12.39 11.47 -4.95
C ASP B 76 -13.68 12.06 -5.51
N LYS B 77 -14.52 11.21 -6.07
CA LYS B 77 -15.80 11.66 -6.65
C LYS B 77 -16.65 12.38 -5.61
N HIS B 78 -16.42 12.09 -4.33
CA HIS B 78 -17.19 12.72 -3.27
C HIS B 78 -16.45 13.77 -2.47
N GLY B 79 -15.37 14.29 -3.04
CA GLY B 79 -14.60 15.35 -2.41
C GLY B 79 -13.87 15.07 -1.11
N MET B 80 -13.51 13.81 -0.86
CA MET B 80 -12.81 13.45 0.38
C MET B 80 -11.30 13.26 0.25
N ILE B 81 -10.75 13.50 -0.94
CA ILE B 81 -9.33 13.30 -1.19
C ILE B 81 -8.37 14.43 -0.75
N GLY B 82 -8.88 15.66 -0.66
CA GLY B 82 -8.02 16.76 -0.26
C GLY B 82 -8.01 17.81 -1.35
N THR B 83 -7.93 19.08 -0.95
CA THR B 83 -7.96 20.17 -1.91
C THR B 83 -6.59 20.74 -2.26
N THR B 84 -5.60 20.49 -1.42
CA THR B 84 -4.26 20.98 -1.69
C THR B 84 -3.31 19.81 -1.72
N SER B 85 -2.09 20.05 -2.16
CA SER B 85 -1.10 18.98 -2.20
C SER B 85 -0.74 18.51 -0.79
N GLU B 86 -0.64 19.45 0.14
CA GLU B 86 -0.29 19.10 1.52
C GLU B 86 -1.39 18.27 2.12
N GLU B 87 -2.64 18.66 1.87
CA GLU B 87 -3.76 17.91 2.42
C GLU B 87 -3.89 16.53 1.80
N ARG B 88 -3.71 16.43 0.47
CA ARG B 88 -3.84 15.15 -0.19
C ARG B 88 -2.75 14.20 0.28
N ALA B 89 -1.56 14.74 0.58
CA ALA B 89 -0.44 13.94 1.04
C ALA B 89 -0.72 13.41 2.45
N ARG B 90 -1.30 14.27 3.28
CA ARG B 90 -1.62 13.88 4.65
C ARG B 90 -2.67 12.76 4.65
N VAL B 91 -3.59 12.83 3.69
CA VAL B 91 -4.62 11.82 3.55
C VAL B 91 -3.95 10.49 3.17
N SER B 92 -3.03 10.54 2.21
CA SER B 92 -2.32 9.34 1.77
C SER B 92 -1.51 8.74 2.89
N MET B 93 -0.97 9.60 3.77
CA MET B 93 -0.18 9.13 4.89
C MET B 93 -1.05 8.29 5.82
N ILE B 94 -2.23 8.80 6.11
CA ILE B 94 -3.18 8.09 6.98
C ILE B 94 -3.59 6.76 6.34
N GLU B 95 -3.86 6.76 5.03
CA GLU B 95 -4.22 5.54 4.31
C GLU B 95 -3.11 4.49 4.43
N GLY B 96 -1.87 4.93 4.20
CA GLY B 96 -0.73 4.04 4.29
C GLY B 96 -0.61 3.40 5.67
N ALA B 97 -0.78 4.21 6.72
CA ALA B 97 -0.68 3.72 8.09
C ALA B 97 -1.83 2.75 8.38
N ALA B 98 -3.00 3.03 7.82
CA ALA B 98 -4.17 2.19 8.00
C ALA B 98 -3.96 0.85 7.28
N VAL B 99 -3.24 0.89 6.16
CA VAL B 99 -2.96 -0.32 5.40
C VAL B 99 -2.01 -1.15 6.23
N ASP B 100 -1.02 -0.50 6.83
CA ASP B 100 -0.05 -1.17 7.69
C ASP B 100 -0.78 -1.87 8.86
N LEU B 101 -1.72 -1.16 9.47
CA LEU B 101 -2.49 -1.70 10.59
C LEU B 101 -3.23 -2.98 10.24
N ARG B 102 -3.95 -2.95 9.12
CA ARG B 102 -4.71 -4.10 8.67
C ARG B 102 -3.81 -5.23 8.13
N GLN B 103 -2.75 -4.84 7.44
CA GLN B 103 -1.84 -5.84 6.86
C GLN B 103 -1.01 -6.53 7.91
N GLY B 104 -0.82 -5.90 9.06
CA GLY B 104 -0.04 -6.51 10.12
C GLY B 104 -0.71 -7.76 10.64
N ILE B 105 -2.01 -7.67 10.91
CA ILE B 105 -2.76 -8.81 11.42
C ILE B 105 -2.95 -9.84 10.32
N SER B 106 -3.10 -9.35 9.08
CA SER B 106 -3.28 -10.20 7.92
C SER B 106 -2.06 -11.08 7.70
N ARG B 107 -0.89 -10.49 7.87
CA ARG B 107 0.37 -11.20 7.69
C ARG B 107 0.51 -12.43 8.59
N ILE B 108 0.40 -12.24 9.90
CA ILE B 108 0.51 -13.34 10.83
C ILE B 108 -0.65 -14.33 10.77
N SER B 109 -1.81 -13.88 10.30
CA SER B 109 -3.00 -14.72 10.22
C SER B 109 -2.94 -15.78 9.11
N TYR B 110 -2.25 -15.48 8.03
CA TYR B 110 -2.14 -16.43 6.92
C TYR B 110 -0.85 -17.23 7.05
N GLN B 111 -0.12 -16.98 8.12
CA GLN B 111 1.14 -17.66 8.36
C GLN B 111 0.91 -18.96 9.12
N PRO B 112 1.48 -20.08 8.64
CA PRO B 112 1.31 -21.37 9.33
C PRO B 112 1.79 -21.26 10.78
N LYS B 113 2.80 -20.42 11.00
CA LYS B 113 3.35 -20.22 12.34
C LYS B 113 2.59 -19.17 13.12
N PHE B 114 1.35 -18.89 12.70
CA PHE B 114 0.53 -17.88 13.35
C PHE B 114 0.67 -17.94 14.88
N GLU B 115 0.39 -19.12 15.42
CA GLU B 115 0.45 -19.34 16.87
C GLU B 115 1.71 -18.81 17.51
N GLN B 116 2.83 -18.96 16.81
CA GLN B 116 4.11 -18.49 17.32
C GLN B 116 4.22 -16.97 17.17
N LEU B 117 3.91 -16.48 15.98
CA LEU B 117 3.98 -15.06 15.69
C LEU B 117 3.04 -14.23 16.57
N LYS B 118 1.89 -14.80 16.90
CA LYS B 118 0.90 -14.12 17.71
C LYS B 118 1.47 -13.42 18.95
N GLU B 119 2.35 -14.10 19.67
CA GLU B 119 2.93 -13.52 20.89
C GLU B 119 3.70 -12.24 20.64
N GLY B 120 4.56 -12.23 19.64
CA GLY B 120 5.35 -11.05 19.35
C GLY B 120 4.46 -9.89 18.91
N TYR B 121 3.44 -10.21 18.12
CA TYR B 121 2.51 -9.22 17.61
C TYR B 121 1.74 -8.57 18.75
N LEU B 122 1.27 -9.39 19.68
CA LEU B 122 0.49 -8.90 20.81
C LEU B 122 1.35 -8.04 21.74
N LYS B 123 2.65 -8.30 21.73
CA LYS B 123 3.57 -7.53 22.58
C LYS B 123 3.74 -6.11 22.07
N ASP B 124 3.65 -5.93 20.76
CA ASP B 124 3.81 -4.62 20.14
C ASP B 124 2.51 -3.84 19.94
N LEU B 125 1.40 -4.56 19.91
CA LEU B 125 0.09 -3.94 19.70
C LEU B 125 -0.17 -2.67 20.50
N PRO B 126 0.07 -2.71 21.82
CA PRO B 126 -0.16 -1.53 22.68
C PRO B 126 0.45 -0.22 22.16
N THR B 127 1.69 -0.29 21.69
CA THR B 127 2.38 0.88 21.17
C THR B 127 1.66 1.42 19.94
N THR B 128 1.24 0.52 19.07
CA THR B 128 0.53 0.87 17.85
C THR B 128 -0.79 1.55 18.15
N MET B 129 -1.54 1.00 19.10
CA MET B 129 -2.84 1.56 19.49
C MET B 129 -2.67 2.95 20.08
N LYS B 130 -1.61 3.12 20.87
CA LYS B 130 -1.35 4.41 21.48
C LYS B 130 -1.09 5.45 20.40
N MET B 131 -0.31 5.05 19.39
CA MET B 131 0.01 5.94 18.30
C MET B 131 -1.25 6.42 17.60
N TRP B 132 -2.19 5.52 17.38
CA TRP B 132 -3.44 5.89 16.74
C TRP B 132 -4.32 6.69 17.69
N SER B 133 -4.29 6.34 18.97
CA SER B 133 -5.09 7.04 19.97
C SER B 133 -4.61 8.48 20.06
N ASP B 134 -3.30 8.65 20.05
CA ASP B 134 -2.71 9.98 20.14
C ASP B 134 -3.04 10.77 18.90
N PHE B 135 -3.01 10.10 17.74
CA PHE B 135 -3.31 10.78 16.49
C PHE B 135 -4.76 11.26 16.43
N LEU B 136 -5.70 10.42 16.85
CA LEU B 136 -7.11 10.81 16.83
C LEU B 136 -7.37 11.94 17.81
N GLY B 137 -6.75 11.84 18.98
CA GLY B 137 -6.92 12.88 19.97
C GLY B 137 -8.38 13.12 20.33
N LYS B 138 -8.77 14.40 20.37
CA LYS B 138 -10.12 14.79 20.72
C LYS B 138 -11.06 14.89 19.53
N ASN B 139 -10.54 14.67 18.33
CA ASN B 139 -11.34 14.75 17.11
C ASN B 139 -12.36 13.61 17.02
N PRO B 140 -13.53 13.91 16.43
CA PRO B 140 -14.57 12.88 16.29
C PRO B 140 -14.12 11.89 15.22
N TYR B 141 -13.42 12.41 14.21
CA TYR B 141 -12.93 11.59 13.10
C TYR B 141 -11.45 11.89 12.82
N LEU B 142 -10.81 10.99 12.09
CA LEU B 142 -9.38 11.11 11.78
C LEU B 142 -8.93 12.44 11.16
N ARG B 143 -9.82 13.11 10.44
CA ARG B 143 -9.44 14.37 9.81
C ARG B 143 -10.17 15.60 10.35
N GLY B 144 -10.91 15.42 11.44
CA GLY B 144 -11.63 16.55 12.01
C GLY B 144 -13.06 16.21 12.36
N THR B 145 -13.96 17.05 11.88
CA THR B 145 -15.38 16.88 12.17
C THR B 145 -16.12 16.08 11.13
N SER B 146 -15.50 15.83 9.98
CA SER B 146 -16.15 15.09 8.91
C SER B 146 -15.58 13.69 8.64
N VAL B 147 -16.47 12.74 8.44
CA VAL B 147 -16.07 11.36 8.15
C VAL B 147 -15.51 11.33 6.75
N SER B 148 -14.61 10.38 6.50
CA SER B 148 -14.03 10.20 5.19
C SER B 148 -13.63 8.73 5.10
N HIS B 149 -13.19 8.32 3.92
CA HIS B 149 -12.81 6.94 3.70
C HIS B 149 -11.77 6.38 4.66
N VAL B 150 -10.87 7.22 5.15
CA VAL B 150 -9.84 6.72 6.07
C VAL B 150 -10.45 6.21 7.36
N ASP B 151 -11.54 6.83 7.80
CA ASP B 151 -12.20 6.40 9.04
C ASP B 151 -12.72 4.96 8.93
N PHE B 152 -13.27 4.61 7.77
CA PHE B 152 -13.80 3.28 7.54
C PHE B 152 -12.66 2.26 7.43
N MET B 153 -11.49 2.72 7.00
CA MET B 153 -10.32 1.85 6.88
C MET B 153 -9.83 1.50 8.30
N VAL B 154 -9.61 2.52 9.12
CA VAL B 154 -9.15 2.33 10.48
C VAL B 154 -10.20 1.60 11.31
N TYR B 155 -11.47 1.94 11.14
CA TYR B 155 -12.52 1.27 11.90
C TYR B 155 -12.47 -0.24 11.65
N GLU B 156 -12.45 -0.63 10.39
CA GLU B 156 -12.40 -2.04 10.04
C GLU B 156 -11.14 -2.70 10.60
N ALA B 157 -10.00 -2.03 10.53
CA ALA B 157 -8.77 -2.59 11.05
C ALA B 157 -8.83 -2.81 12.56
N LEU B 158 -9.39 -1.84 13.29
CA LEU B 158 -9.50 -1.97 14.74
C LEU B 158 -10.50 -3.06 15.10
N ASP B 159 -11.61 -3.13 14.37
CA ASP B 159 -12.61 -4.15 14.65
C ASP B 159 -12.02 -5.55 14.48
N ALA B 160 -11.18 -5.71 13.45
CA ALA B 160 -10.57 -7.01 13.19
C ALA B 160 -9.60 -7.41 14.30
N ILE B 161 -8.80 -6.45 14.77
CA ILE B 161 -7.83 -6.70 15.81
C ILE B 161 -8.50 -7.00 17.14
N ARG B 162 -9.64 -6.37 17.40
CA ARG B 162 -10.34 -6.62 18.65
C ARG B 162 -10.85 -8.07 18.72
N TYR B 163 -10.82 -8.77 17.59
CA TYR B 163 -11.24 -10.16 17.53
C TYR B 163 -10.09 -11.03 18.03
N LEU B 164 -8.87 -10.53 17.88
CA LEU B 164 -7.70 -11.25 18.34
C LEU B 164 -7.43 -10.89 19.79
N GLU B 165 -7.54 -9.62 20.12
CA GLU B 165 -7.29 -9.14 21.47
C GLU B 165 -8.41 -8.20 21.88
N PRO B 166 -9.48 -8.74 22.48
CA PRO B 166 -10.66 -7.99 22.93
C PRO B 166 -10.44 -6.78 23.84
N HIS B 167 -9.35 -6.76 24.59
CA HIS B 167 -9.08 -5.64 25.48
C HIS B 167 -8.07 -4.64 24.94
N CYS B 168 -7.75 -4.77 23.65
CA CYS B 168 -6.76 -3.87 23.04
C CYS B 168 -7.13 -2.40 23.06
N LEU B 169 -8.43 -2.10 23.12
CA LEU B 169 -8.86 -0.69 23.14
C LEU B 169 -9.21 -0.20 24.54
N ASP B 170 -9.19 -1.12 25.49
CA ASP B 170 -9.51 -0.81 26.88
C ASP B 170 -8.84 0.43 27.43
N HIS B 171 -7.54 0.58 27.18
CA HIS B 171 -6.82 1.73 27.70
C HIS B 171 -6.89 2.96 26.79
N PHE B 172 -7.70 2.89 25.74
CA PHE B 172 -7.84 3.99 24.80
C PHE B 172 -9.31 4.33 24.56
N PRO B 173 -9.92 5.04 25.51
CA PRO B 173 -11.32 5.43 25.42
C PRO B 173 -11.75 6.17 24.15
N ASN B 174 -10.88 7.02 23.61
CA ASN B 174 -11.24 7.75 22.40
C ASN B 174 -11.39 6.83 21.19
N LEU B 175 -10.60 5.76 21.16
CA LEU B 175 -10.68 4.80 20.05
C LEU B 175 -11.98 4.00 20.19
N GLN B 176 -12.38 3.74 21.43
CA GLN B 176 -13.62 3.02 21.72
C GLN B 176 -14.81 3.86 21.27
N GLN B 177 -14.79 5.15 21.59
CA GLN B 177 -15.88 6.04 21.20
C GLN B 177 -15.93 6.18 19.69
N PHE B 178 -14.74 6.19 19.07
CA PHE B 178 -14.62 6.30 17.62
C PHE B 178 -15.38 5.13 16.97
N MET B 179 -15.15 3.94 17.49
CA MET B 179 -15.81 2.74 17.00
C MET B 179 -17.33 2.86 17.09
N SER B 180 -17.81 3.31 18.24
CA SER B 180 -19.25 3.49 18.47
C SER B 180 -19.82 4.54 17.56
N ARG B 181 -19.09 5.65 17.43
CA ARG B 181 -19.52 6.75 16.58
C ARG B 181 -19.78 6.28 15.15
N ILE B 182 -18.86 5.47 14.61
CA ILE B 182 -19.00 4.96 13.24
C ILE B 182 -20.22 4.06 13.13
N GLU B 183 -20.39 3.17 14.11
CA GLU B 183 -21.49 2.24 14.09
C GLU B 183 -22.84 2.92 14.33
N ALA B 184 -22.80 4.16 14.81
CA ALA B 184 -24.04 4.89 15.07
C ALA B 184 -24.46 5.75 13.89
N LEU B 185 -23.62 5.84 12.85
CA LEU B 185 -23.99 6.62 11.66
C LEU B 185 -25.20 5.91 11.09
N PRO B 186 -26.29 6.64 10.83
CA PRO B 186 -27.53 6.07 10.28
C PRO B 186 -27.37 5.10 9.11
N SER B 187 -26.58 5.46 8.11
CA SER B 187 -26.41 4.57 6.96
C SER B 187 -25.61 3.32 7.29
N ILE B 188 -24.65 3.44 8.21
CA ILE B 188 -23.81 2.32 8.61
C ILE B 188 -24.60 1.36 9.49
N LYS B 189 -25.29 1.92 10.49
CA LYS B 189 -26.09 1.14 11.40
C LYS B 189 -27.10 0.30 10.60
N ALA B 190 -27.75 0.91 9.62
CA ALA B 190 -28.75 0.20 8.82
C ALA B 190 -28.11 -0.88 7.95
N TYR B 191 -26.94 -0.61 7.42
CA TYR B 191 -26.25 -1.57 6.58
C TYR B 191 -25.82 -2.78 7.42
N MET B 192 -25.33 -2.52 8.62
CA MET B 192 -24.87 -3.59 9.50
C MET B 192 -26.03 -4.44 10.01
N GLU B 193 -27.25 -3.94 9.85
CA GLU B 193 -28.44 -4.66 10.29
C GLU B 193 -29.11 -5.35 9.12
N SER B 194 -28.59 -5.12 7.91
CA SER B 194 -29.15 -5.72 6.70
C SER B 194 -28.58 -7.11 6.43
N ASN B 195 -29.07 -7.75 5.38
CA ASN B 195 -28.60 -9.08 5.02
C ASN B 195 -27.52 -8.99 3.96
N ARG B 196 -27.09 -7.76 3.67
CA ARG B 196 -26.03 -7.53 2.70
C ARG B 196 -24.68 -7.51 3.44
N PHE B 197 -24.76 -7.27 4.74
CA PHE B 197 -23.58 -7.20 5.59
C PHE B 197 -22.84 -8.53 5.76
N ILE B 198 -21.54 -8.51 5.52
CA ILE B 198 -20.71 -9.69 5.67
C ILE B 198 -19.97 -9.49 6.98
N LYS B 199 -20.34 -10.27 7.99
CA LYS B 199 -19.73 -10.16 9.32
C LYS B 199 -18.48 -11.04 9.50
N TRP B 200 -18.44 -12.15 8.77
CA TRP B 200 -17.33 -13.10 8.85
C TRP B 200 -17.19 -13.79 7.50
N PRO B 201 -15.97 -14.22 7.13
CA PRO B 201 -14.71 -14.11 7.89
C PRO B 201 -14.01 -12.75 7.71
N LEU B 202 -13.00 -12.52 8.54
CA LEU B 202 -12.21 -11.29 8.51
C LEU B 202 -11.18 -11.41 7.40
N ASN B 203 -10.46 -12.52 7.43
CA ASN B 203 -9.42 -12.83 6.45
C ASN B 203 -9.93 -13.91 5.49
N GLY B 204 -9.05 -14.46 4.66
CA GLY B 204 -9.46 -15.51 3.74
C GLY B 204 -9.88 -16.71 4.56
N TRP B 205 -10.77 -17.55 4.02
CA TRP B 205 -11.24 -18.73 4.73
C TRP B 205 -10.13 -19.64 5.26
N HIS B 206 -9.00 -19.68 4.58
CA HIS B 206 -7.92 -20.55 4.99
C HIS B 206 -6.84 -19.93 5.87
N ALA B 207 -7.22 -18.90 6.60
CA ALA B 207 -6.30 -18.23 7.51
C ALA B 207 -6.28 -18.96 8.85
N GLN B 208 -5.11 -18.96 9.49
CA GLN B 208 -4.96 -19.61 10.79
C GLN B 208 -5.84 -18.89 11.78
N PHE B 209 -6.05 -17.60 11.54
CA PHE B 209 -6.90 -16.79 12.41
C PHE B 209 -7.84 -15.92 11.57
N GLY B 210 -9.07 -15.80 12.04
CA GLY B 210 -10.07 -14.98 11.37
C GLY B 210 -10.57 -15.54 10.05
N GLY B 211 -10.34 -16.84 9.84
CA GLY B 211 -10.79 -17.44 8.59
C GLY B 211 -11.76 -18.59 8.73
N GLY B 212 -12.42 -18.69 9.88
CA GLY B 212 -13.35 -19.79 10.05
C GLY B 212 -14.60 -19.65 9.22
N ASP B 213 -15.66 -20.33 9.66
CA ASP B 213 -16.95 -20.26 9.01
C ASP B 213 -17.78 -19.41 9.95
N ALA B 214 -17.30 -19.28 11.17
CA ALA B 214 -17.97 -18.50 12.18
C ALA B 214 -16.93 -17.91 13.13
N PRO B 215 -17.28 -16.82 13.82
CA PRO B 215 -16.36 -16.17 14.76
C PRO B 215 -15.86 -17.15 15.81
N PRO B 216 -14.64 -16.91 16.33
CA PRO B 216 -14.08 -17.80 17.36
C PRO B 216 -14.49 -17.35 18.77
N1 GSH C . 3.96 1.30 5.02
CA1 GSH C . 5.21 1.98 5.42
C1 GSH C . 5.80 2.84 4.30
O11 GSH C . 6.57 3.78 4.63
O12 GSH C . 5.50 2.58 3.11
CB1 GSH C . 6.25 0.96 5.88
CG1 GSH C . 7.34 1.57 6.75
CD1 GSH C . 8.35 0.57 7.25
OE1 GSH C . 8.04 -0.61 7.37
N2 GSH C . 9.55 1.04 7.56
CA2 GSH C . 10.61 0.17 8.06
C2 GSH C . 11.17 0.73 9.36
O2 GSH C . 12.33 0.49 9.71
CB2 GSH C . 11.72 0.06 7.02
SG2 GSH C . 11.17 -0.30 5.34
N3 GSH C . 10.36 1.48 10.11
CA3 GSH C . 10.84 2.04 11.36
C3 GSH C . 9.85 1.88 12.49
O31 GSH C . 8.85 1.15 12.31
O32 GSH C . 10.07 2.48 13.57
N1 GSH D . -2.59 -4.93 -3.52
CA1 GSH D . -3.86 -5.56 -3.96
C1 GSH D . -5.08 -4.74 -3.51
O11 GSH D . -6.14 -4.87 -4.15
O12 GSH D . -4.96 -3.99 -2.52
CB1 GSH D . -3.95 -6.98 -3.43
CG1 GSH D . -4.94 -7.83 -4.21
CD1 GSH D . -5.00 -9.26 -3.73
OE1 GSH D . -4.04 -9.78 -3.15
N2 GSH D . -6.14 -9.92 -3.98
CA2 GSH D . -6.32 -11.31 -3.56
C2 GSH D . -6.79 -12.16 -4.74
O2 GSH D . -7.48 -13.15 -4.56
CB2 GSH D . -7.37 -11.38 -2.44
SG2 GSH D . -7.12 -10.22 -1.07
N3 GSH D . -6.41 -11.76 -5.95
CA3 GSH D . -6.82 -12.51 -7.13
C3 GSH D . -5.70 -12.71 -8.13
O31 GSH D . -4.55 -12.39 -7.77
O32 GSH D . -5.97 -13.17 -9.27
#